data_6XAL
#
_entry.id   6XAL
#
_cell.length_a   55.805
_cell.length_b   56.282
_cell.length_c   56.094
_cell.angle_alpha   90.000
_cell.angle_beta   101.740
_cell.angle_gamma   90.000
#
_symmetry.space_group_name_H-M   'P 1 21 1'
#
loop_
_entity.id
_entity.type
_entity.pdbx_description
1 polymer NzeB
2 non-polymer 'PROTOPORPHYRIN IX CONTAINING FE'
3 non-polymer (3S,6S)-3-[(1H-indol-3-yl)methyl]-6-(propan-2-yl)piperazine-2,5-dione
4 water water
#
_entity_poly.entity_id   1
_entity_poly.type   'polypeptide(L)'
_entity_poly.pdbx_seq_one_letter_code
;VTTTATLTYPFHDWSQELSPRYAQLRASDAPVCPVVSEGTGDPLWLVTRYATAVKLLEDSRFSSEAAQASGAPRQEPVEL
RAPGTRGDAIAMLREAGLRSVLADGLGPRAVRRHQGWINDLAETLMSELASREGTFDLAADFVEPLSSALVSRTLLGELS
ADERDLLAHCADTGLRF(CSO)GVTHEEQVHAFTQMHEFFLEHARRLAGTPGEHLLKLIAEAPVDQGPLSDEALAEAGSL
LVVAGFPTSSGFLCGALLTLLRHPDAVQELHAHPERVPSAVEELLRYTPLSTGSVKRMATEDLEIDGVRIKAGEVVMVSL
EAVNHDPDAFEDPDVFRPGREGPMHFGFGRGRHFCPGNRLARCVIEATVRAVARRPGLRLAVAPEEISWHEGLFFRRPRA
IPATW
;
_entity_poly.pdbx_strand_id   A
#
loop_
_chem_comp.id
_chem_comp.type
_chem_comp.name
_chem_comp.formula
HEM non-polymer 'PROTOPORPHYRIN IX CONTAINING FE' 'C34 H32 Fe N4 O4'
UYG non-polymer (3S,6S)-3-[(1H-indol-3-yl)methyl]-6-(propan-2-yl)piperazine-2,5-dione 'C16 H19 N3 O2'
#
# COMPACT_ATOMS: atom_id res chain seq x y z
N THR A 4 -22.34 -14.52 13.62
CA THR A 4 -23.48 -15.05 12.89
C THR A 4 -23.00 -15.85 11.69
N ALA A 5 -23.94 -16.31 10.87
CA ALA A 5 -23.58 -17.11 9.70
C ALA A 5 -23.10 -16.27 8.53
N THR A 6 -23.09 -14.95 8.66
CA THR A 6 -22.46 -14.09 7.68
C THR A 6 -21.04 -13.80 8.17
N LEU A 7 -20.05 -14.02 7.31
CA LEU A 7 -18.67 -13.79 7.68
C LEU A 7 -18.45 -12.33 8.06
N THR A 8 -17.69 -12.11 9.12
CA THR A 8 -17.23 -10.77 9.44
C THR A 8 -15.88 -10.50 8.77
N TYR A 9 -15.67 -9.25 8.39
CA TYR A 9 -14.52 -8.87 7.59
C TYR A 9 -13.81 -7.71 8.27
N PRO A 10 -12.45 -7.70 8.30
CA PRO A 10 -11.47 -8.56 7.61
C PRO A 10 -11.19 -9.85 8.34
N PHE A 11 -10.20 -10.62 7.89
CA PHE A 11 -9.99 -11.98 8.37
C PHE A 11 -8.80 -12.13 9.30
N HIS A 12 -8.24 -11.03 9.80
CA HIS A 12 -7.26 -11.03 10.88
C HIS A 12 -5.94 -11.68 10.48
N ASP A 13 -5.62 -11.69 9.20
CA ASP A 13 -4.39 -12.32 8.73
C ASP A 13 -3.29 -11.25 8.70
N TRP A 14 -2.77 -10.93 9.88
CA TRP A 14 -1.85 -9.80 10.00
C TRP A 14 -0.43 -10.13 9.58
N SER A 15 -0.08 -11.41 9.41
CA SER A 15 1.26 -11.81 8.97
C SER A 15 1.25 -12.05 7.45
N GLN A 16 2.32 -12.65 6.92
CA GLN A 16 2.27 -12.96 5.49
C GLN A 16 1.44 -14.20 5.16
N GLU A 17 0.98 -14.93 6.17
CA GLU A 17 0.13 -16.10 5.91
C GLU A 17 -1.28 -15.58 5.63
N LEU A 18 -1.70 -15.65 4.37
CA LEU A 18 -3.02 -15.18 3.98
C LEU A 18 -4.10 -16.04 4.63
N SER A 19 -5.21 -15.42 5.01
CA SER A 19 -6.27 -16.19 5.64
C SER A 19 -6.73 -17.28 4.67
N PRO A 20 -6.84 -18.54 5.13
CA PRO A 20 -7.37 -19.59 4.25
C PRO A 20 -8.77 -19.32 3.76
N ARG A 21 -9.51 -18.41 4.39
CA ARG A 21 -10.88 -18.13 3.97
C ARG A 21 -10.95 -17.59 2.55
N TYR A 22 -9.94 -16.84 2.12
CA TYR A 22 -9.96 -16.27 0.78
C TYR A 22 -10.03 -17.36 -0.28
N ALA A 23 -9.18 -18.39 -0.16
CA ALA A 23 -9.20 -19.50 -1.13
C ALA A 23 -10.52 -20.24 -1.10
N GLN A 24 -11.10 -20.41 0.09
CA GLN A 24 -12.39 -21.09 0.20
C GLN A 24 -13.49 -20.32 -0.49
N LEU A 25 -13.53 -19.00 -0.30
CA LEU A 25 -14.53 -18.21 -1.01
C LEU A 25 -14.28 -18.21 -2.51
N ARG A 26 -13.00 -18.20 -2.93
CA ARG A 26 -12.66 -18.23 -4.36
C ARG A 26 -13.26 -19.46 -5.03
N ALA A 27 -13.21 -20.60 -4.37
CA ALA A 27 -13.70 -21.86 -4.92
C ALA A 27 -15.19 -22.10 -4.66
N SER A 28 -15.89 -21.18 -4.02
CA SER A 28 -17.31 -21.34 -3.77
C SER A 28 -18.09 -21.13 -5.07
N ASP A 29 -19.40 -21.37 -5.00
CA ASP A 29 -20.25 -21.19 -6.17
C ASP A 29 -20.56 -19.73 -6.46
N ALA A 30 -20.34 -18.85 -5.51
CA ALA A 30 -20.68 -17.44 -5.67
C ALA A 30 -19.46 -16.67 -6.18
N PRO A 31 -19.60 -15.87 -7.24
CA PRO A 31 -18.50 -14.98 -7.65
C PRO A 31 -18.38 -13.75 -6.77
N VAL A 32 -19.42 -13.42 -6.00
CA VAL A 32 -19.41 -12.32 -5.05
C VAL A 32 -20.08 -12.86 -3.80
N CYS A 33 -19.45 -12.64 -2.64
CA CYS A 33 -19.94 -13.22 -1.39
CA CYS A 33 -19.94 -13.22 -1.40
C CYS A 33 -20.31 -12.11 -0.42
N PRO A 34 -21.51 -12.12 0.16
CA PRO A 34 -21.86 -11.09 1.15
C PRO A 34 -21.12 -11.33 2.46
N VAL A 35 -20.59 -10.24 3.03
CA VAL A 35 -19.93 -10.25 4.32
C VAL A 35 -20.45 -9.07 5.14
N VAL A 36 -19.99 -8.96 6.37
CA VAL A 36 -20.34 -7.83 7.23
C VAL A 36 -19.08 -7.27 7.86
N SER A 37 -18.95 -5.95 7.88
CA SER A 37 -17.79 -5.28 8.46
C SER A 37 -17.75 -5.51 9.96
N GLU A 38 -16.61 -6.03 10.46
CA GLU A 38 -16.47 -6.21 11.90
C GLU A 38 -16.51 -4.87 12.64
N GLY A 39 -15.97 -3.82 12.02
CA GLY A 39 -15.83 -2.54 12.72
C GLY A 39 -17.08 -1.69 12.74
N THR A 40 -17.97 -1.86 11.76
CA THR A 40 -19.20 -1.07 11.66
C THR A 40 -20.47 -1.87 11.58
N GLY A 41 -20.42 -3.17 11.28
CA GLY A 41 -21.63 -3.92 11.03
C GLY A 41 -22.26 -3.68 9.67
N ASP A 42 -21.60 -2.89 8.81
CA ASP A 42 -22.15 -2.61 7.49
C ASP A 42 -22.10 -3.86 6.61
N PRO A 43 -23.14 -4.10 5.80
CA PRO A 43 -23.05 -5.20 4.83
C PRO A 43 -22.13 -4.82 3.70
N LEU A 44 -21.38 -5.81 3.21
CA LEU A 44 -20.44 -5.63 2.11
C LEU A 44 -20.44 -6.88 1.24
N TRP A 45 -19.97 -6.71 0.00
CA TRP A 45 -19.77 -7.82 -0.92
C TRP A 45 -18.26 -7.99 -1.10
N LEU A 46 -17.82 -9.25 -1.29
CA LEU A 46 -16.40 -9.57 -1.39
C LEU A 46 -16.12 -10.43 -2.61
N VAL A 47 -15.17 -9.99 -3.44
CA VAL A 47 -14.69 -10.71 -4.63
C VAL A 47 -13.29 -11.23 -4.36
N THR A 48 -13.03 -12.47 -4.76
CA THR A 48 -11.73 -13.11 -4.59
C THR A 48 -11.18 -13.71 -5.86
N ARG A 49 -11.93 -13.70 -6.96
CA ARG A 49 -11.49 -14.27 -8.23
C ARG A 49 -10.96 -13.18 -9.15
N TYR A 50 -9.83 -13.48 -9.80
CA TYR A 50 -9.21 -12.55 -10.75
C TYR A 50 -10.19 -12.11 -11.83
N ALA A 51 -10.89 -13.06 -12.47
CA ALA A 51 -11.73 -12.69 -13.62
C ALA A 51 -12.87 -11.78 -13.20
N THR A 52 -13.44 -12.02 -12.01
CA THR A 52 -14.51 -11.15 -11.51
C THR A 52 -13.96 -9.79 -11.12
N ALA A 53 -12.77 -9.77 -10.53
CA ALA A 53 -12.15 -8.51 -10.12
C ALA A 53 -11.85 -7.61 -11.31
N VAL A 54 -11.43 -8.19 -12.44
CA VAL A 54 -11.21 -7.39 -13.64
C VAL A 54 -12.51 -6.69 -14.03
N LYS A 55 -13.61 -7.46 -14.07
CA LYS A 55 -14.90 -6.88 -14.40
C LYS A 55 -15.29 -5.77 -13.43
N LEU A 56 -15.08 -6.00 -12.12
CA LEU A 56 -15.46 -5.01 -11.12
C LEU A 56 -14.68 -3.72 -11.30
N LEU A 57 -13.34 -3.83 -11.42
CA LEU A 57 -12.49 -2.64 -11.40
C LEU A 57 -12.41 -1.92 -12.74
N GLU A 58 -12.98 -2.47 -13.81
CA GLU A 58 -13.06 -1.80 -15.09
C GLU A 58 -14.47 -1.32 -15.43
N ASP A 59 -15.44 -1.54 -14.54
CA ASP A 59 -16.84 -1.18 -14.76
C ASP A 59 -17.05 0.26 -14.33
N SER A 60 -17.47 1.11 -15.25
CA SER A 60 -17.70 2.52 -14.96
C SER A 60 -18.86 2.74 -14.00
N ARG A 61 -19.69 1.73 -13.75
CA ARG A 61 -20.79 1.85 -12.81
C ARG A 61 -20.36 1.64 -11.35
N PHE A 62 -19.10 1.33 -11.10
CA PHE A 62 -18.58 1.14 -9.76
C PHE A 62 -17.65 2.30 -9.44
N SER A 63 -18.00 3.07 -8.41
CA SER A 63 -17.32 4.32 -8.09
C SER A 63 -16.47 4.14 -6.85
N SER A 64 -15.18 4.45 -6.96
CA SER A 64 -14.33 4.46 -5.79
C SER A 64 -14.70 5.61 -4.87
N GLU A 65 -14.88 6.80 -5.45
CA GLU A 65 -15.15 7.99 -4.65
C GLU A 65 -16.46 7.84 -3.87
N ALA A 66 -17.47 7.22 -4.48
CA ALA A 66 -18.73 7.02 -3.76
C ALA A 66 -18.55 6.12 -2.56
N ALA A 67 -17.64 5.15 -2.64
CA ALA A 67 -17.38 4.27 -1.51
C ALA A 67 -16.53 4.93 -0.43
N GLN A 68 -15.90 6.06 -0.74
CA GLN A 68 -15.14 6.84 0.21
C GLN A 68 -15.98 7.84 0.98
N ALA A 69 -17.23 8.05 0.59
CA ALA A 69 -18.04 9.12 1.17
C ALA A 69 -18.54 8.76 2.56
N SER A 70 -18.84 9.80 3.35
CA SER A 70 -19.36 9.57 4.70
CA SER A 70 -19.37 9.59 4.69
C SER A 70 -20.71 8.86 4.62
N GLY A 71 -20.91 7.90 5.53
CA GLY A 71 -22.11 7.11 5.53
C GLY A 71 -22.09 5.91 4.61
N ALA A 72 -21.13 5.84 3.68
CA ALA A 72 -21.03 4.66 2.84
C ALA A 72 -20.75 3.44 3.71
N PRO A 73 -21.32 2.28 3.40
CA PRO A 73 -20.90 1.04 4.05
C PRO A 73 -19.39 0.88 3.86
N ARG A 74 -18.71 0.51 4.94
CA ARG A 74 -17.25 0.56 4.94
C ARG A 74 -16.69 -0.55 5.79
N GLN A 75 -15.44 -0.90 5.53
CA GLN A 75 -14.75 -1.89 6.35
C GLN A 75 -13.99 -1.24 7.50
N GLU A 76 -13.54 0.01 7.36
CA GLU A 76 -12.71 0.63 8.38
C GLU A 76 -13.55 1.04 9.59
N PRO A 77 -13.03 0.88 10.81
CA PRO A 77 -13.85 1.22 11.99
C PRO A 77 -14.10 2.72 12.14
N VAL A 78 -13.11 3.56 11.86
CA VAL A 78 -13.27 5.00 11.93
C VAL A 78 -13.04 5.61 10.56
N GLU A 79 -13.85 6.61 10.22
CA GLU A 79 -13.70 7.28 8.93
C GLU A 79 -12.29 7.86 8.80
N LEU A 80 -11.73 7.74 7.60
CA LEU A 80 -10.36 8.15 7.33
C LEU A 80 -10.23 9.64 7.03
N ARG A 81 -11.06 10.46 7.67
CA ARG A 81 -11.00 11.91 7.48
C ARG A 81 -10.99 12.59 8.84
N ALA A 82 -10.57 13.85 8.84
CA ALA A 82 -10.68 14.66 10.03
C ALA A 82 -12.15 14.95 10.32
N PRO A 83 -12.52 15.16 11.58
CA PRO A 83 -13.94 15.37 11.92
C PRO A 83 -14.54 16.56 11.18
N GLY A 84 -15.57 16.27 10.38
CA GLY A 84 -16.28 17.32 9.68
C GLY A 84 -15.58 17.88 8.46
N THR A 85 -14.67 17.14 7.86
CA THR A 85 -14.00 17.56 6.63
C THR A 85 -14.49 16.72 5.47
N ARG A 86 -14.19 17.19 4.26
CA ARG A 86 -14.66 16.50 3.07
C ARG A 86 -14.03 15.12 2.94
N GLY A 87 -12.71 15.02 3.12
CA GLY A 87 -12.03 13.76 2.88
C GLY A 87 -12.22 13.34 1.43
N ASP A 88 -11.76 14.20 0.53
CA ASP A 88 -12.05 14.08 -0.90
C ASP A 88 -10.89 14.67 -1.68
N ALA A 89 -9.66 14.29 -1.32
CA ALA A 89 -8.48 15.04 -1.74
C ALA A 89 -8.32 15.06 -3.25
N ILE A 90 -8.49 13.90 -3.91
CA ILE A 90 -8.30 13.83 -5.35
C ILE A 90 -9.32 14.72 -6.08
N ALA A 91 -10.56 14.74 -5.60
CA ALA A 91 -11.57 15.59 -6.24
C ALA A 91 -11.29 17.07 -5.99
N MET A 92 -10.81 17.42 -4.80
CA MET A 92 -10.49 18.82 -4.51
C MET A 92 -9.32 19.30 -5.36
N LEU A 93 -8.37 18.43 -5.66
CA LEU A 93 -7.28 18.80 -6.56
C LEU A 93 -7.79 19.02 -7.97
N ARG A 94 -8.68 18.15 -8.44
CA ARG A 94 -9.25 18.32 -9.78
C ARG A 94 -10.09 19.59 -9.87
N GLU A 95 -10.76 19.96 -8.78
CA GLU A 95 -11.59 21.17 -8.77
C GLU A 95 -10.76 22.43 -9.01
N ALA A 96 -9.56 22.41 -8.48
CA ALA A 96 -8.61 23.54 -8.56
C ALA A 96 -7.98 23.58 -9.94
N GLY A 97 -8.33 22.63 -10.79
CA GLY A 97 -7.78 22.55 -12.14
C GLY A 97 -6.53 21.71 -12.22
N LEU A 98 -6.16 21.04 -11.12
CA LEU A 98 -4.99 20.12 -11.07
C LEU A 98 -5.49 18.71 -11.38
N ARG A 99 -5.94 18.45 -12.59
CA ARG A 99 -6.47 17.09 -12.82
C ARG A 99 -5.41 15.98 -12.68
N SER A 100 -4.18 16.19 -13.15
CA SER A 100 -3.14 15.11 -13.23
C SER A 100 -1.87 15.33 -12.41
N VAL A 101 -1.85 16.24 -11.44
CA VAL A 101 -0.59 16.56 -10.73
C VAL A 101 0.00 15.31 -10.04
N LEU A 102 -0.82 14.43 -9.44
CA LEU A 102 -0.21 13.27 -8.73
C LEU A 102 0.53 12.35 -9.70
N ALA A 103 -0.14 11.99 -10.79
CA ALA A 103 0.55 11.14 -11.75
C ALA A 103 1.76 11.86 -12.35
N ASP A 104 1.62 13.16 -12.63
CA ASP A 104 2.70 13.91 -13.24
C ASP A 104 3.95 13.89 -12.35
N GLY A 105 3.78 14.19 -11.07
CA GLY A 105 4.89 14.22 -10.13
C GLY A 105 5.40 12.88 -9.65
N LEU A 106 4.75 11.79 -10.04
CA LEU A 106 5.18 10.45 -9.64
C LEU A 106 5.50 9.55 -10.82
N GLY A 107 5.47 10.07 -12.05
CA GLY A 107 5.59 9.26 -13.24
C GLY A 107 7.01 9.03 -13.68
N PRO A 108 7.18 8.67 -14.95
CA PRO A 108 8.51 8.25 -15.44
C PRO A 108 9.57 9.34 -15.35
N ARG A 109 9.19 10.60 -15.56
CA ARG A 109 10.21 11.66 -15.44
C ARG A 109 10.67 11.81 -13.99
N ALA A 110 9.77 11.61 -13.03
CA ALA A 110 10.14 11.68 -11.62
C ALA A 110 11.08 10.54 -11.23
N VAL A 111 10.82 9.34 -11.73
CA VAL A 111 11.76 8.24 -11.53
C VAL A 111 13.13 8.60 -12.09
N ARG A 112 13.16 9.22 -13.27
CA ARG A 112 14.46 9.57 -13.83
C ARG A 112 15.18 10.62 -12.98
N ARG A 113 14.45 11.46 -12.26
CA ARG A 113 15.09 12.41 -11.35
C ARG A 113 15.61 11.74 -10.08
N HIS A 114 14.83 10.81 -9.51
CA HIS A 114 15.12 10.30 -8.18
C HIS A 114 15.82 8.95 -8.16
N GLN A 115 15.85 8.21 -9.26
CA GLN A 115 16.36 6.83 -9.18
C GLN A 115 17.82 6.81 -8.75
N GLY A 116 18.59 7.83 -9.11
CA GLY A 116 20.00 7.88 -8.76
C GLY A 116 20.23 7.90 -7.27
N TRP A 117 19.66 8.87 -6.58
CA TRP A 117 19.87 8.91 -5.13
C TRP A 117 19.17 7.75 -4.43
N ILE A 118 18.05 7.25 -4.95
CA ILE A 118 17.38 6.11 -4.33
C ILE A 118 18.31 4.90 -4.32
N ASN A 119 18.94 4.62 -5.46
CA ASN A 119 19.91 3.53 -5.54
C ASN A 119 21.15 3.81 -4.71
N ASP A 120 21.66 5.05 -4.73
CA ASP A 120 22.78 5.42 -3.87
C ASP A 120 22.47 5.09 -2.42
N LEU A 121 21.27 5.46 -1.96
CA LEU A 121 20.93 5.30 -0.56
C LEU A 121 20.72 3.83 -0.19
N ALA A 122 20.04 3.08 -1.06
CA ALA A 122 19.91 1.65 -0.82
C ALA A 122 21.29 1.02 -0.66
N GLU A 123 22.23 1.44 -1.50
CA GLU A 123 23.58 0.92 -1.43
C GLU A 123 24.31 1.39 -0.17
N THR A 124 24.16 2.66 0.18
CA THR A 124 24.80 3.15 1.42
C THR A 124 24.29 2.37 2.63
N LEU A 125 22.97 2.17 2.71
CA LEU A 125 22.38 1.48 3.85
C LEU A 125 22.84 0.03 3.91
N MET A 126 22.85 -0.65 2.77
CA MET A 126 23.27 -2.06 2.77
C MET A 126 24.76 -2.19 3.04
N SER A 127 25.57 -1.25 2.56
CA SER A 127 27.01 -1.29 2.84
C SER A 127 27.28 -1.14 4.33
N GLU A 128 26.53 -0.28 5.00
CA GLU A 128 26.65 -0.17 6.46
C GLU A 128 26.27 -1.48 7.13
N LEU A 129 25.20 -2.12 6.68
CA LEU A 129 24.82 -3.42 7.26
C LEU A 129 25.87 -4.48 7.00
N ALA A 130 26.56 -4.41 5.85
CA ALA A 130 27.62 -5.36 5.56
C ALA A 130 28.78 -5.26 6.52
N SER A 131 28.90 -4.15 7.25
CA SER A 131 29.95 -3.98 8.26
C SER A 131 29.50 -4.40 9.65
N ARG A 132 28.28 -4.89 9.81
CA ARG A 132 27.72 -5.17 11.12
C ARG A 132 28.09 -6.57 11.60
N GLU A 133 28.19 -6.70 12.91
CA GLU A 133 28.38 -7.98 13.57
C GLU A 133 27.04 -8.55 13.98
N GLY A 134 26.92 -9.86 13.91
CA GLY A 134 25.78 -10.52 14.53
C GLY A 134 24.48 -10.20 13.82
N THR A 135 23.45 -9.96 14.62
CA THR A 135 22.10 -9.74 14.10
C THR A 135 21.83 -8.25 13.95
N PHE A 136 21.25 -7.88 12.81
CA PHE A 136 20.84 -6.52 12.54
C PHE A 136 19.40 -6.52 12.05
N ASP A 137 18.78 -5.36 12.05
CA ASP A 137 17.34 -5.24 11.80
C ASP A 137 17.10 -4.54 10.48
N LEU A 138 16.65 -5.28 9.46
CA LEU A 138 16.41 -4.69 8.15
C LEU A 138 15.23 -3.73 8.14
N ALA A 139 14.28 -3.87 9.06
CA ALA A 139 13.19 -2.89 9.12
C ALA A 139 13.71 -1.55 9.65
N ALA A 140 14.39 -1.55 10.79
CA ALA A 140 14.82 -0.30 11.40
C ALA A 140 15.96 0.35 10.63
N ASP A 141 16.88 -0.44 10.08
CA ASP A 141 18.14 0.09 9.59
C ASP A 141 18.26 0.03 8.07
N PHE A 142 17.20 -0.39 7.38
CA PHE A 142 17.14 -0.29 5.92
C PHE A 142 15.79 0.32 5.50
N VAL A 143 14.68 -0.33 5.82
CA VAL A 143 13.40 0.14 5.30
C VAL A 143 13.06 1.52 5.85
N GLU A 144 13.24 1.73 7.16
CA GLU A 144 12.87 3.02 7.74
CA GLU A 144 12.88 3.02 7.75
C GLU A 144 13.66 4.18 7.14
N PRO A 145 15.00 4.16 7.06
CA PRO A 145 15.68 5.32 6.47
C PRO A 145 15.41 5.48 4.98
N LEU A 146 15.24 4.38 4.25
CA LEU A 146 14.96 4.52 2.81
C LEU A 146 13.58 5.10 2.58
N SER A 147 12.57 4.60 3.29
CA SER A 147 11.22 5.13 3.12
C SER A 147 11.09 6.56 3.66
N SER A 148 11.80 6.88 4.75
CA SER A 148 11.81 8.25 5.27
C SER A 148 12.35 9.22 4.22
N ALA A 149 13.46 8.86 3.57
CA ALA A 149 14.00 9.70 2.51
C ALA A 149 13.04 9.82 1.34
N LEU A 150 12.38 8.72 0.96
CA LEU A 150 11.41 8.76 -0.12
C LEU A 150 10.32 9.78 0.18
N VAL A 151 9.81 9.76 1.42
CA VAL A 151 8.73 10.64 1.82
C VAL A 151 9.15 12.11 1.75
N SER A 152 10.31 12.42 2.34
CA SER A 152 10.77 13.81 2.35
C SER A 152 11.07 14.28 0.94
N ARG A 153 11.84 13.50 0.18
CA ARG A 153 12.37 13.99 -1.09
C ARG A 153 11.30 13.99 -2.19
N THR A 154 10.37 13.03 -2.20
CA THR A 154 9.42 12.94 -3.29
C THR A 154 8.00 13.37 -2.95
N LEU A 155 7.63 13.40 -1.67
CA LEU A 155 6.23 13.63 -1.33
C LEU A 155 6.01 14.97 -0.62
N LEU A 156 6.66 15.19 0.53
CA LEU A 156 6.29 16.29 1.41
C LEU A 156 7.28 17.43 1.48
N GLY A 157 8.55 17.20 1.18
CA GLY A 157 9.59 18.13 1.49
C GLY A 157 10.39 17.69 2.70
N GLU A 158 11.58 18.27 2.86
CA GLU A 158 12.48 17.91 3.95
C GLU A 158 11.79 17.98 5.30
N LEU A 159 11.60 16.83 5.95
CA LEU A 159 11.02 16.76 7.28
C LEU A 159 12.13 16.59 8.31
N SER A 160 11.90 17.13 9.50
CA SER A 160 12.77 16.79 10.61
C SER A 160 12.44 15.39 11.11
N ALA A 161 13.35 14.82 11.89
CA ALA A 161 13.12 13.50 12.47
C ALA A 161 11.81 13.48 13.26
N ASP A 162 11.55 14.53 14.04
CA ASP A 162 10.33 14.57 14.85
C ASP A 162 9.10 14.64 13.97
N GLU A 163 9.17 15.38 12.85
CA GLU A 163 8.03 15.46 11.96
C GLU A 163 7.77 14.13 11.27
N ARG A 164 8.83 13.50 10.76
CA ARG A 164 8.72 12.16 10.20
C ARG A 164 8.13 11.19 11.22
N ASP A 165 8.65 11.22 12.46
CA ASP A 165 8.15 10.33 13.50
C ASP A 165 6.67 10.56 13.76
N LEU A 166 6.24 11.82 13.80
CA LEU A 166 4.84 12.11 14.09
C LEU A 166 3.92 11.61 12.98
N LEU A 167 4.26 11.90 11.73
CA LEU A 167 3.37 11.48 10.64
C LEU A 167 3.32 9.97 10.53
N ALA A 168 4.48 9.31 10.69
CA ALA A 168 4.52 7.85 10.67
C ALA A 168 3.65 7.26 11.78
N HIS A 169 3.71 7.83 12.98
CA HIS A 169 2.86 7.36 14.07
C HIS A 169 1.39 7.59 13.77
N CYS A 170 1.06 8.74 13.16
CA CYS A 170 -0.32 9.01 12.83
C CYS A 170 -0.85 8.01 11.80
N ALA A 171 -0.04 7.67 10.81
CA ALA A 171 -0.45 6.67 9.82
C ALA A 171 -0.68 5.32 10.49
N ASP A 172 0.29 4.89 11.33
CA ASP A 172 0.17 3.59 12.00
C ASP A 172 -1.03 3.55 12.93
N THR A 173 -1.35 4.66 13.58
CA THR A 173 -2.45 4.64 14.54
C THR A 173 -3.81 4.77 13.88
N GLY A 174 -3.92 5.58 12.82
CA GLY A 174 -5.21 5.77 12.18
C GLY A 174 -5.60 4.67 11.20
N LEU A 175 -4.61 4.03 10.58
CA LEU A 175 -4.89 3.07 9.51
C LEU A 175 -4.85 1.64 10.06
N ARG A 176 -5.87 1.35 10.87
CA ARG A 176 -5.89 0.14 11.68
C ARG A 176 -7.32 -0.38 11.77
N PHE A 177 -7.45 -1.69 11.83
CA PHE A 177 -8.74 -2.34 12.13
C PHE A 177 -8.95 -2.49 13.63
N CSO A 178 -7.85 -2.57 14.37
CA CSO A 178 -7.90 -2.82 15.80
CB CSO A 178 -8.34 -4.26 16.12
SG CSO A 178 -7.34 -5.52 15.25
C CSO A 178 -6.54 -2.51 16.42
O CSO A 178 -5.59 -2.21 15.71
OD CSO A 178 -5.83 -5.76 16.15
N GLY A 179 -6.47 -2.57 17.75
CA GLY A 179 -5.21 -2.40 18.46
C GLY A 179 -5.02 -1.06 19.14
N VAL A 180 -5.92 -0.12 18.86
CA VAL A 180 -5.91 1.20 19.48
C VAL A 180 -7.36 1.58 19.72
N THR A 181 -7.56 2.58 20.58
CA THR A 181 -8.93 3.01 20.84
C THR A 181 -9.45 3.87 19.68
N HIS A 182 -10.78 3.94 19.59
CA HIS A 182 -11.44 4.87 18.68
C HIS A 182 -10.87 6.28 18.81
N GLU A 183 -10.73 6.75 20.05
CA GLU A 183 -10.26 8.12 20.27
C GLU A 183 -8.84 8.30 19.77
N GLU A 184 -7.99 7.28 19.91
CA GLU A 184 -6.63 7.37 19.42
C GLU A 184 -6.59 7.40 17.89
N GLN A 185 -7.51 6.69 17.25
CA GLN A 185 -7.57 6.70 15.79
C GLN A 185 -7.96 8.07 15.26
N VAL A 186 -9.05 8.63 15.81
CA VAL A 186 -9.50 9.97 15.41
C VAL A 186 -8.40 10.98 15.65
N HIS A 187 -7.75 10.89 16.82
CA HIS A 187 -6.69 11.85 17.14
C HIS A 187 -5.54 11.78 16.16
N ALA A 188 -5.23 10.58 15.64
CA ALA A 188 -4.16 10.45 14.66
C ALA A 188 -4.45 11.28 13.41
N PHE A 189 -5.68 11.23 12.92
CA PHE A 189 -6.04 12.04 11.76
C PHE A 189 -6.04 13.53 12.13
N THR A 190 -6.47 13.86 13.34
CA THR A 190 -6.44 15.26 13.78
C THR A 190 -5.03 15.81 13.76
N GLN A 191 -4.10 15.12 14.42
CA GLN A 191 -2.72 15.58 14.44
C GLN A 191 -2.16 15.71 13.04
N MET A 192 -2.62 14.85 12.12
CA MET A 192 -2.18 14.92 10.73
C MET A 192 -2.75 16.16 10.05
N HIS A 193 -4.08 16.34 10.13
CA HIS A 193 -4.72 17.48 9.48
C HIS A 193 -4.22 18.80 10.08
N GLU A 194 -4.26 18.90 11.41
CA GLU A 194 -3.75 20.11 12.07
C GLU A 194 -2.26 20.33 11.78
N PHE A 195 -1.51 19.25 11.56
CA PHE A 195 -0.10 19.40 11.18
C PHE A 195 0.02 20.08 9.83
N PHE A 196 -0.79 19.68 8.87
CA PHE A 196 -0.66 20.22 7.52
C PHE A 196 -1.32 21.58 7.39
N LEU A 197 -2.42 21.83 8.09
CA LEU A 197 -2.99 23.18 8.13
C LEU A 197 -1.96 24.20 8.54
N GLU A 198 -1.00 23.83 9.40
CA GLU A 198 0.00 24.76 9.90
C GLU A 198 1.28 24.76 9.06
N HIS A 199 1.72 23.60 8.57
CA HIS A 199 3.06 23.49 8.00
C HIS A 199 3.09 23.22 6.50
N ALA A 200 1.95 22.94 5.86
CA ALA A 200 1.97 22.57 4.45
C ALA A 200 2.54 23.68 3.58
N ARG A 201 2.16 24.93 3.85
CA ARG A 201 2.67 26.03 3.05
C ARG A 201 4.18 26.17 3.20
N ARG A 202 4.68 26.01 4.43
CA ARG A 202 6.13 26.05 4.65
C ARG A 202 6.83 24.92 3.91
N LEU A 203 6.29 23.71 4.01
CA LEU A 203 6.92 22.56 3.35
C LEU A 203 6.89 22.72 1.83
N ALA A 204 5.76 23.16 1.29
CA ALA A 204 5.64 23.34 -0.16
C ALA A 204 6.58 24.43 -0.68
N GLY A 205 6.96 25.39 0.17
CA GLY A 205 7.79 26.50 -0.26
C GLY A 205 9.27 26.25 -0.27
N THR A 206 9.72 25.16 0.34
CA THR A 206 11.14 24.83 0.34
C THR A 206 11.57 24.33 -1.03
N PRO A 207 12.84 24.54 -1.40
CA PRO A 207 13.32 24.04 -2.69
C PRO A 207 13.26 22.52 -2.77
N GLY A 208 12.87 22.02 -3.94
CA GLY A 208 12.85 20.60 -4.18
C GLY A 208 11.86 20.24 -5.27
N GLU A 209 11.71 18.94 -5.47
CA GLU A 209 10.84 18.38 -6.48
C GLU A 209 9.66 17.64 -5.86
N HIS A 210 9.44 17.83 -4.56
CA HIS A 210 8.45 17.04 -3.84
C HIS A 210 7.03 17.37 -4.32
N LEU A 211 6.17 16.35 -4.21
CA LEU A 211 4.83 16.45 -4.76
C LEU A 211 4.03 17.57 -4.12
N LEU A 212 4.20 17.80 -2.81
CA LEU A 212 3.42 18.86 -2.16
C LEU A 212 3.73 20.22 -2.74
N LYS A 213 5.00 20.46 -3.10
CA LYS A 213 5.36 21.70 -3.79
C LYS A 213 4.69 21.78 -5.16
N LEU A 214 4.76 20.69 -5.95
CA LEU A 214 4.12 20.68 -7.26
C LEU A 214 2.65 21.01 -7.18
N ILE A 215 1.95 20.44 -6.19
CA ILE A 215 0.53 20.71 -5.99
C ILE A 215 0.30 22.18 -5.67
N ALA A 216 1.13 22.73 -4.77
CA ALA A 216 0.93 24.11 -4.33
C ALA A 216 1.26 25.11 -5.43
N GLU A 217 2.20 24.79 -6.31
CA GLU A 217 2.78 25.77 -7.22
C GLU A 217 2.31 25.58 -8.66
N ALA A 218 1.16 24.94 -8.87
CA ALA A 218 0.65 24.71 -10.21
C ALA A 218 -0.56 25.59 -10.52
N GLY A 223 -8.33 30.60 -9.19
CA GLY A 223 -8.15 30.91 -7.78
C GLY A 223 -7.13 30.01 -7.10
N PRO A 224 -6.19 30.61 -6.37
CA PRO A 224 -5.12 29.81 -5.76
C PRO A 224 -5.65 28.78 -4.79
N LEU A 225 -4.81 27.78 -4.54
CA LEU A 225 -5.20 26.63 -3.71
C LEU A 225 -5.32 27.05 -2.25
N SER A 226 -6.43 26.68 -1.62
CA SER A 226 -6.66 27.03 -0.22
C SER A 226 -5.81 26.16 0.70
N ASP A 227 -5.65 26.63 1.94
CA ASP A 227 -4.88 25.87 2.93
C ASP A 227 -5.56 24.55 3.26
N GLU A 228 -6.89 24.49 3.18
CA GLU A 228 -7.59 23.24 3.48
C GLU A 228 -7.34 22.21 2.38
N ALA A 229 -7.33 22.65 1.12
CA ALA A 229 -7.00 21.73 0.03
C ALA A 229 -5.55 21.27 0.11
N LEU A 230 -4.64 22.19 0.45
CA LEU A 230 -3.24 21.81 0.59
C LEU A 230 -3.03 20.90 1.79
N ALA A 231 -3.77 21.11 2.87
CA ALA A 231 -3.70 20.20 4.01
C ALA A 231 -4.27 18.83 3.66
N GLU A 232 -5.39 18.81 2.93
CA GLU A 232 -5.95 17.54 2.47
C GLU A 232 -4.96 16.80 1.58
N ALA A 233 -4.22 17.54 0.75
CA ALA A 233 -3.21 16.91 -0.10
C ALA A 233 -2.10 16.28 0.74
N GLY A 234 -1.66 16.96 1.79
CA GLY A 234 -0.64 16.40 2.67
C GLY A 234 -1.09 15.11 3.32
N SER A 235 -2.30 15.10 3.87
CA SER A 235 -2.79 13.88 4.51
C SER A 235 -2.94 12.75 3.51
N LEU A 236 -3.34 13.08 2.28
CA LEU A 236 -3.44 12.07 1.23
C LEU A 236 -2.09 11.42 0.96
N LEU A 237 -1.04 12.23 0.85
CA LEU A 237 0.28 11.71 0.53
C LEU A 237 0.82 10.85 1.67
N VAL A 238 0.53 11.21 2.92
CA VAL A 238 0.96 10.38 4.04
C VAL A 238 0.24 9.03 4.01
N VAL A 239 -1.09 9.07 3.93
CA VAL A 239 -1.90 7.86 3.98
C VAL A 239 -1.55 6.93 2.81
N ALA A 240 -1.39 7.49 1.61
CA ALA A 240 -1.20 6.66 0.42
C ALA A 240 0.25 6.23 0.25
N GLY A 241 1.19 7.01 0.76
CA GLY A 241 2.60 6.82 0.48
C GLY A 241 3.45 6.26 1.61
N PHE A 242 3.11 6.53 2.88
CA PHE A 242 3.99 6.11 3.96
CA PHE A 242 3.94 6.14 4.03
C PHE A 242 3.81 4.65 4.35
N PRO A 243 2.61 4.19 4.76
CA PRO A 243 2.52 2.81 5.27
C PRO A 243 2.57 1.76 4.17
N THR A 244 2.26 2.15 2.94
CA THR A 244 2.35 1.25 1.78
C THR A 244 3.81 0.96 1.46
N SER A 245 4.63 2.01 1.34
CA SER A 245 6.04 1.81 1.01
C SER A 245 6.75 1.04 2.12
N SER A 246 6.51 1.40 3.38
CA SER A 246 7.23 0.72 4.46
C SER A 246 6.75 -0.71 4.63
N GLY A 247 5.44 -0.93 4.58
CA GLY A 247 4.94 -2.29 4.68
C GLY A 247 5.41 -3.15 3.52
N PHE A 248 5.31 -2.63 2.29
CA PHE A 248 5.67 -3.46 1.15
C PHE A 248 7.16 -3.78 1.13
N LEU A 249 8.03 -2.80 1.38
CA LEU A 249 9.47 -3.06 1.36
C LEU A 249 9.86 -4.07 2.44
N CYS A 250 9.26 -3.97 3.63
CA CYS A 250 9.49 -5.00 4.66
C CYS A 250 9.04 -6.38 4.16
N GLY A 251 7.86 -6.45 3.56
CA GLY A 251 7.37 -7.75 3.14
C GLY A 251 8.17 -8.31 1.99
N ALA A 252 8.63 -7.45 1.09
CA ALA A 252 9.45 -7.90 -0.03
C ALA A 252 10.79 -8.45 0.47
N LEU A 253 11.39 -7.81 1.47
CA LEU A 253 12.63 -8.33 2.04
C LEU A 253 12.39 -9.71 2.64
N LEU A 254 11.27 -9.88 3.36
CA LEU A 254 10.95 -11.21 3.90
C LEU A 254 10.81 -12.24 2.79
N THR A 255 10.11 -11.90 1.71
CA THR A 255 9.99 -12.84 0.59
C THR A 255 11.37 -13.21 0.03
N LEU A 256 12.24 -12.23 -0.18
CA LEU A 256 13.57 -12.53 -0.71
C LEU A 256 14.36 -13.43 0.23
N LEU A 257 14.32 -13.14 1.53
CA LEU A 257 15.09 -13.94 2.48
C LEU A 257 14.58 -15.37 2.56
N ARG A 258 13.29 -15.56 2.31
CA ARG A 258 12.71 -16.90 2.32
C ARG A 258 12.95 -17.67 1.02
N HIS A 259 13.55 -17.04 0.01
CA HIS A 259 13.80 -17.68 -1.28
C HIS A 259 15.24 -17.49 -1.71
N PRO A 260 16.20 -18.09 -0.99
CA PRO A 260 17.62 -17.92 -1.37
C PRO A 260 17.96 -18.38 -2.78
N ASP A 261 17.30 -19.42 -3.29
CA ASP A 261 17.59 -19.84 -4.66
C ASP A 261 17.26 -18.74 -5.66
N ALA A 262 16.13 -18.06 -5.45
CA ALA A 262 15.76 -16.95 -6.32
C ALA A 262 16.76 -15.81 -6.23
N VAL A 263 17.22 -15.50 -5.02
CA VAL A 263 18.19 -14.43 -4.85
C VAL A 263 19.51 -14.78 -5.51
N GLN A 264 19.95 -16.03 -5.39
CA GLN A 264 21.18 -16.43 -6.06
C GLN A 264 21.07 -16.27 -7.57
N GLU A 265 19.89 -16.54 -8.13
CA GLU A 265 19.66 -16.30 -9.55
C GLU A 265 19.78 -14.83 -9.91
N LEU A 266 19.22 -13.95 -9.07
CA LEU A 266 19.31 -12.52 -9.32
C LEU A 266 20.73 -12.01 -9.15
N HIS A 267 21.50 -12.62 -8.25
CA HIS A 267 22.90 -12.24 -8.08
C HIS A 267 23.69 -12.55 -9.34
N ALA A 268 23.40 -13.67 -9.98
CA ALA A 268 24.13 -14.08 -11.17
C ALA A 268 23.61 -13.38 -12.42
N HIS A 269 22.35 -12.97 -12.44
CA HIS A 269 21.71 -12.44 -13.64
C HIS A 269 20.91 -11.18 -13.26
N PRO A 270 21.61 -10.07 -13.02
CA PRO A 270 20.93 -8.85 -12.54
C PRO A 270 19.89 -8.31 -13.50
N GLU A 271 19.96 -8.63 -14.79
CA GLU A 271 18.96 -8.17 -15.74
C GLU A 271 17.58 -8.77 -15.46
N ARG A 272 17.50 -9.79 -14.61
CA ARG A 272 16.24 -10.41 -14.23
C ARG A 272 15.56 -9.71 -13.07
N VAL A 273 16.18 -8.67 -12.51
CA VAL A 273 15.60 -8.00 -11.34
C VAL A 273 14.23 -7.38 -11.63
N PRO A 274 14.03 -6.62 -12.73
CA PRO A 274 12.69 -6.07 -12.98
C PRO A 274 11.58 -7.10 -12.94
N SER A 275 11.81 -8.30 -13.50
CA SER A 275 10.79 -9.34 -13.45
C SER A 275 10.57 -9.81 -12.01
N ALA A 276 11.61 -9.84 -11.20
CA ALA A 276 11.43 -10.22 -9.81
C ALA A 276 10.61 -9.18 -9.06
N VAL A 277 10.78 -7.90 -9.40
CA VAL A 277 9.96 -6.85 -8.80
C VAL A 277 8.48 -7.09 -9.07
N GLU A 278 8.14 -7.43 -10.31
CA GLU A 278 6.75 -7.71 -10.64
C GLU A 278 6.23 -8.92 -9.89
N GLU A 279 7.05 -9.97 -9.75
CA GLU A 279 6.61 -11.15 -9.00
C GLU A 279 6.45 -10.84 -7.52
N LEU A 280 7.29 -9.97 -6.95
CA LEU A 280 7.09 -9.54 -5.56
C LEU A 280 5.77 -8.81 -5.40
N LEU A 281 5.42 -7.96 -6.36
CA LEU A 281 4.15 -7.23 -6.29
C LEU A 281 2.96 -8.17 -6.33
N ARG A 282 3.08 -9.30 -7.03
CA ARG A 282 2.00 -10.29 -7.02
C ARG A 282 2.02 -11.13 -5.75
N TYR A 283 3.20 -11.58 -5.35
CA TYR A 283 3.30 -12.63 -4.34
C TYR A 283 3.21 -12.10 -2.92
N THR A 284 3.83 -10.95 -2.67
CA THR A 284 3.96 -10.41 -1.31
C THR A 284 2.69 -9.68 -0.91
N PRO A 285 2.01 -10.10 0.17
CA PRO A 285 0.74 -9.47 0.53
C PRO A 285 0.96 -8.12 1.20
N LEU A 286 0.01 -7.22 1.03
CA LEU A 286 0.15 -5.89 1.62
C LEU A 286 -1.06 -5.52 2.48
N SER A 287 -2.16 -5.10 1.87
CA SER A 287 -3.33 -4.75 2.65
C SER A 287 -3.96 -5.98 3.29
N THR A 288 -4.45 -5.81 4.51
CA THR A 288 -5.26 -6.80 5.20
C THR A 288 -6.76 -6.62 4.97
N GLY A 289 -7.14 -5.63 4.17
CA GLY A 289 -8.52 -5.49 3.69
C GLY A 289 -8.59 -5.53 2.18
N SER A 290 -9.52 -4.77 1.59
CA SER A 290 -9.81 -4.86 0.17
C SER A 290 -9.94 -3.46 -0.44
N VAL A 291 -9.64 -3.35 -1.75
CA VAL A 291 -10.09 -2.15 -2.47
C VAL A 291 -11.60 -2.26 -2.62
N LYS A 292 -12.27 -1.12 -2.71
CA LYS A 292 -13.72 -1.14 -2.66
C LYS A 292 -14.31 -0.08 -3.58
N ARG A 293 -15.52 -0.36 -4.06
CA ARG A 293 -16.23 0.49 -4.99
C ARG A 293 -17.72 0.42 -4.66
N MET A 294 -18.42 1.51 -4.93
CA MET A 294 -19.86 1.54 -4.72
C MET A 294 -20.58 1.53 -6.06
N ALA A 295 -21.58 0.66 -6.18
CA ALA A 295 -22.42 0.65 -7.37
C ALA A 295 -23.23 1.95 -7.43
N THR A 296 -23.15 2.65 -8.55
CA THR A 296 -23.90 3.91 -8.70
C THR A 296 -25.25 3.70 -9.38
N GLU A 297 -25.54 2.47 -9.80
CA GLU A 297 -26.83 2.09 -10.37
C GLU A 297 -26.94 0.59 -10.16
N ASP A 298 -28.17 0.08 -10.15
CA ASP A 298 -28.38 -1.37 -10.09
C ASP A 298 -27.66 -2.04 -11.26
N LEU A 299 -27.01 -3.16 -10.98
CA LEU A 299 -26.26 -3.88 -12.00
C LEU A 299 -26.15 -5.35 -11.60
N GLU A 300 -25.58 -6.14 -12.51
CA GLU A 300 -25.13 -7.49 -12.22
C GLU A 300 -23.65 -7.61 -12.55
N ILE A 301 -22.93 -8.34 -11.72
CA ILE A 301 -21.55 -8.71 -12.01
C ILE A 301 -21.47 -10.23 -11.88
N ASP A 302 -21.12 -10.89 -12.99
CA ASP A 302 -21.05 -12.34 -13.03
C ASP A 302 -22.34 -12.99 -12.54
N GLY A 303 -23.47 -12.38 -12.91
CA GLY A 303 -24.78 -12.90 -12.58
C GLY A 303 -25.34 -12.42 -11.26
N VAL A 304 -24.50 -11.90 -10.36
CA VAL A 304 -24.96 -11.49 -9.03
C VAL A 304 -25.49 -10.07 -9.11
N ARG A 305 -26.72 -9.86 -8.65
CA ARG A 305 -27.34 -8.55 -8.71
C ARG A 305 -26.89 -7.67 -7.55
N ILE A 306 -26.41 -6.47 -7.88
CA ILE A 306 -25.95 -5.49 -6.90
C ILE A 306 -26.84 -4.27 -7.02
N LYS A 307 -27.31 -3.77 -5.87
CA LYS A 307 -28.16 -2.59 -5.86
C LYS A 307 -27.31 -1.32 -5.75
N ALA A 308 -27.81 -0.25 -6.36
CA ALA A 308 -27.20 1.06 -6.20
C ALA A 308 -26.98 1.36 -4.71
N GLY A 309 -25.79 1.86 -4.39
CA GLY A 309 -25.43 2.18 -3.02
C GLY A 309 -24.66 1.10 -2.29
N GLU A 310 -24.70 -0.14 -2.76
CA GLU A 310 -23.98 -1.23 -2.12
C GLU A 310 -22.51 -1.21 -2.52
N VAL A 311 -21.67 -1.66 -1.59
CA VAL A 311 -20.21 -1.60 -1.74
C VAL A 311 -19.68 -3.01 -2.00
N VAL A 312 -18.90 -3.16 -3.06
CA VAL A 312 -18.28 -4.42 -3.45
C VAL A 312 -16.77 -4.24 -3.30
N MET A 313 -16.14 -5.21 -2.62
CA MET A 313 -14.71 -5.18 -2.32
C MET A 313 -13.98 -6.26 -3.10
N VAL A 314 -12.71 -6.01 -3.42
CA VAL A 314 -11.84 -7.07 -3.95
CA VAL A 314 -11.81 -7.02 -4.02
C VAL A 314 -10.57 -7.11 -3.14
N SER A 315 -10.24 -8.30 -2.66
CA SER A 315 -8.97 -8.55 -1.99
C SER A 315 -7.90 -8.74 -3.05
N LEU A 316 -6.94 -7.80 -3.11
CA LEU A 316 -5.89 -7.91 -4.11
C LEU A 316 -5.04 -9.15 -3.86
N GLU A 317 -4.83 -9.47 -2.58
CA GLU A 317 -4.13 -10.69 -2.19
C GLU A 317 -4.84 -11.93 -2.74
N ALA A 318 -6.16 -12.01 -2.54
CA ALA A 318 -6.91 -13.17 -3.04
C ALA A 318 -6.76 -13.30 -4.55
N VAL A 319 -6.91 -12.19 -5.26
CA VAL A 319 -6.85 -12.30 -6.72
CA VAL A 319 -6.83 -12.20 -6.73
C VAL A 319 -5.43 -12.59 -7.19
N ASN A 320 -4.41 -12.05 -6.53
CA ASN A 320 -3.03 -12.33 -6.90
C ASN A 320 -2.64 -13.78 -6.64
N HIS A 321 -3.40 -14.49 -5.82
CA HIS A 321 -3.15 -15.89 -5.53
C HIS A 321 -4.21 -16.81 -6.15
N ASP A 322 -4.92 -16.32 -7.16
CA ASP A 322 -5.98 -17.10 -7.82
C ASP A 322 -5.36 -18.10 -8.79
N PRO A 323 -5.55 -19.42 -8.58
CA PRO A 323 -4.98 -20.40 -9.52
C PRO A 323 -5.61 -20.38 -10.91
N ASP A 324 -6.79 -19.79 -11.09
CA ASP A 324 -7.33 -19.62 -12.43
C ASP A 324 -6.52 -18.63 -13.24
N ALA A 325 -5.76 -17.76 -12.58
CA ALA A 325 -4.95 -16.75 -13.26
C ALA A 325 -3.48 -17.10 -13.25
N PHE A 326 -2.97 -17.64 -12.15
CA PHE A 326 -1.54 -17.88 -11.97
C PHE A 326 -1.35 -19.34 -11.59
N GLU A 327 -0.73 -20.10 -12.47
CA GLU A 327 -0.43 -21.49 -12.14
C GLU A 327 0.54 -21.54 -10.97
N ASP A 328 0.28 -22.44 -10.03
CA ASP A 328 1.05 -22.53 -8.79
C ASP A 328 1.12 -21.16 -8.11
N PRO A 329 -0.03 -20.59 -7.75
CA PRO A 329 -0.06 -19.19 -7.33
C PRO A 329 0.69 -18.92 -6.04
N ASP A 330 0.91 -19.95 -5.22
CA ASP A 330 1.60 -19.75 -3.96
C ASP A 330 3.10 -20.02 -4.05
N VAL A 331 3.63 -20.09 -5.27
CA VAL A 331 5.07 -20.22 -5.51
C VAL A 331 5.63 -18.86 -5.96
N PHE A 332 6.71 -18.45 -5.32
CA PHE A 332 7.44 -17.24 -5.73
C PHE A 332 8.29 -17.60 -6.95
N ARG A 333 7.90 -17.12 -8.12
CA ARG A 333 8.51 -17.52 -9.38
C ARG A 333 8.85 -16.27 -10.17
N PRO A 334 10.03 -15.69 -9.96
CA PRO A 334 10.37 -14.45 -10.68
C PRO A 334 10.32 -14.57 -12.19
N GLY A 335 10.65 -15.73 -12.75
CA GLY A 335 10.52 -15.88 -14.19
C GLY A 335 9.10 -15.90 -14.72
N ARG A 336 8.11 -15.81 -13.84
CA ARG A 336 6.72 -15.98 -14.23
C ARG A 336 6.33 -15.04 -15.36
N GLU A 337 5.50 -15.56 -16.26
CA GLU A 337 4.89 -14.80 -17.36
C GLU A 337 3.38 -14.98 -17.34
N GLY A 338 2.75 -14.70 -16.20
CA GLY A 338 1.32 -14.76 -16.09
C GLY A 338 0.67 -13.44 -16.47
N PRO A 339 -0.63 -13.32 -16.26
CA PRO A 339 -1.31 -12.05 -16.54
C PRO A 339 -0.84 -10.99 -15.55
N MET A 340 -1.30 -9.77 -15.82
CA MET A 340 -0.91 -8.64 -15.00
C MET A 340 -1.35 -8.86 -13.56
N HIS A 341 -0.46 -8.57 -12.61
CA HIS A 341 -0.83 -8.70 -11.21
C HIS A 341 -1.72 -7.54 -10.78
N PHE A 342 -2.28 -7.69 -9.58
CA PHE A 342 -3.18 -6.69 -8.99
C PHE A 342 -2.54 -5.92 -7.84
N GLY A 343 -1.21 -5.98 -7.69
CA GLY A 343 -0.59 -5.30 -6.56
C GLY A 343 -0.79 -3.80 -6.54
N PHE A 344 -0.95 -3.17 -7.72
CA PHE A 344 -1.24 -1.75 -7.84
C PHE A 344 -2.71 -1.50 -8.21
N GLY A 345 -3.55 -2.52 -8.13
CA GLY A 345 -4.93 -2.37 -8.52
C GLY A 345 -5.10 -2.55 -10.03
N ARG A 346 -6.15 -1.93 -10.56
CA ARG A 346 -6.48 -2.09 -11.98
C ARG A 346 -7.48 -1.03 -12.38
N GLY A 347 -7.37 -0.56 -13.62
CA GLY A 347 -8.34 0.39 -14.13
C GLY A 347 -8.03 1.82 -13.74
N ARG A 348 -9.10 2.60 -13.58
CA ARG A 348 -9.00 4.05 -13.46
C ARG A 348 -8.14 4.47 -12.28
N HIS A 349 -8.18 3.70 -11.18
CA HIS A 349 -7.51 4.07 -9.96
C HIS A 349 -6.21 3.33 -9.73
N PHE A 350 -5.66 2.72 -10.79
CA PHE A 350 -4.35 2.09 -10.72
C PHE A 350 -3.35 3.05 -10.07
N CYS A 351 -2.54 2.52 -9.14
CA CYS A 351 -1.69 3.34 -8.30
C CYS A 351 -0.92 4.38 -9.12
N PRO A 352 -1.13 5.67 -8.87
CA PRO A 352 -0.36 6.70 -9.60
C PRO A 352 1.08 6.79 -9.13
N GLY A 353 1.39 6.20 -8.00
CA GLY A 353 2.76 6.07 -7.55
C GLY A 353 3.49 4.84 -8.06
N ASN A 354 2.91 4.09 -9.02
CA ASN A 354 3.44 2.77 -9.33
C ASN A 354 4.87 2.83 -9.86
N ARG A 355 5.23 3.88 -10.60
CA ARG A 355 6.57 3.89 -11.17
C ARG A 355 7.61 4.20 -10.10
N LEU A 356 7.30 5.14 -9.20
CA LEU A 356 8.19 5.42 -8.08
C LEU A 356 8.31 4.21 -7.16
N ALA A 357 7.19 3.53 -6.89
CA ALA A 357 7.24 2.34 -6.05
C ALA A 357 8.08 1.26 -6.70
N ARG A 358 7.91 1.02 -7.99
CA ARG A 358 8.73 0.03 -8.67
C ARG A 358 10.20 0.41 -8.58
N CYS A 359 10.51 1.71 -8.63
CA CYS A 359 11.89 2.16 -8.57
C CYS A 359 12.53 1.82 -7.23
N VAL A 360 11.82 2.09 -6.13
CA VAL A 360 12.37 1.81 -4.81
C VAL A 360 12.42 0.31 -4.53
N ILE A 361 11.43 -0.46 -5.02
CA ILE A 361 11.48 -1.91 -4.87
C ILE A 361 12.69 -2.47 -5.64
N GLU A 362 12.89 -2.01 -6.87
CA GLU A 362 14.02 -2.48 -7.66
C GLU A 362 15.34 -2.20 -6.95
N ALA A 363 15.49 -1.00 -6.42
CA ALA A 363 16.72 -0.63 -5.71
C ALA A 363 16.94 -1.54 -4.51
N THR A 364 15.87 -1.89 -3.80
CA THR A 364 15.96 -2.79 -2.66
C THR A 364 16.35 -4.20 -3.10
N VAL A 365 15.72 -4.70 -4.17
CA VAL A 365 16.07 -6.03 -4.66
C VAL A 365 17.52 -6.09 -5.08
N ARG A 366 18.01 -5.08 -5.80
CA ARG A 366 19.41 -5.09 -6.24
C ARG A 366 20.37 -5.04 -5.06
N ALA A 367 20.05 -4.22 -4.06
CA ALA A 367 20.92 -4.14 -2.88
C ALA A 367 21.04 -5.50 -2.19
N VAL A 368 19.94 -6.25 -2.13
CA VAL A 368 19.97 -7.60 -1.57
C VAL A 368 20.73 -8.55 -2.47
N ALA A 369 20.40 -8.56 -3.76
CA ALA A 369 20.97 -9.55 -4.69
C ALA A 369 22.47 -9.39 -4.82
N ARG A 370 22.98 -8.18 -4.63
CA ARG A 370 24.41 -7.95 -4.77
C ARG A 370 25.24 -8.53 -3.63
N ARG A 371 24.62 -8.94 -2.52
CA ARG A 371 25.37 -9.32 -1.32
CA ARG A 371 25.37 -9.33 -1.33
C ARG A 371 25.00 -10.74 -0.87
N PRO A 372 25.66 -11.76 -1.41
CA PRO A 372 25.37 -13.13 -0.98
C PRO A 372 25.60 -13.32 0.51
N GLY A 373 24.76 -14.16 1.12
CA GLY A 373 24.89 -14.56 2.50
C GLY A 373 23.87 -13.97 3.44
N LEU A 374 23.13 -12.94 3.01
CA LEU A 374 22.12 -12.33 3.86
C LEU A 374 21.00 -13.32 4.13
N ARG A 375 20.60 -13.45 5.39
CA ARG A 375 19.58 -14.44 5.74
C ARG A 375 18.78 -13.98 6.95
N LEU A 376 17.57 -14.51 7.07
CA LEU A 376 16.79 -14.25 8.27
C LEU A 376 17.45 -14.94 9.46
N ALA A 377 17.49 -14.24 10.59
CA ALA A 377 18.17 -14.77 11.77
C ALA A 377 17.35 -15.82 12.52
N VAL A 378 16.04 -15.86 12.29
CA VAL A 378 15.13 -16.79 12.96
C VAL A 378 14.15 -17.31 11.92
N ALA A 379 13.38 -18.32 12.32
CA ALA A 379 12.38 -18.89 11.43
C ALA A 379 11.30 -17.84 11.12
N PRO A 380 10.73 -17.86 9.90
CA PRO A 380 9.69 -16.89 9.54
C PRO A 380 8.54 -16.81 10.52
N GLU A 381 8.13 -17.94 11.10
CA GLU A 381 7.01 -17.95 12.04
C GLU A 381 7.32 -17.23 13.34
N GLU A 382 8.59 -16.91 13.59
CA GLU A 382 8.98 -16.17 14.79
C GLU A 382 9.00 -14.67 14.57
N ILE A 383 8.77 -14.20 13.35
CA ILE A 383 8.71 -12.76 13.10
C ILE A 383 7.48 -12.19 13.79
N SER A 384 7.65 -11.06 14.48
CA SER A 384 6.50 -10.40 15.10
C SER A 384 5.92 -9.36 14.16
N TRP A 385 4.59 -9.26 14.17
CA TRP A 385 3.84 -8.42 13.24
C TRP A 385 3.04 -7.40 14.03
N HIS A 386 2.95 -6.18 13.50
CA HIS A 386 2.05 -5.18 14.06
C HIS A 386 0.62 -5.62 13.79
N GLU A 387 -0.09 -6.07 14.82
CA GLU A 387 -1.41 -6.62 14.60
C GLU A 387 -2.39 -5.51 14.34
N GLY A 388 -3.22 -5.67 13.29
CA GLY A 388 -4.32 -4.78 13.02
C GLY A 388 -4.08 -3.68 12.01
N LEU A 389 -2.86 -3.52 11.51
CA LEU A 389 -2.62 -2.50 10.49
C LEU A 389 -3.34 -2.84 9.20
N PHE A 390 -3.86 -1.80 8.53
CA PHE A 390 -4.33 -1.97 7.16
C PHE A 390 -3.22 -2.51 6.28
N PHE A 391 -2.00 -2.01 6.46
CA PHE A 391 -0.87 -2.35 5.60
C PHE A 391 0.12 -3.14 6.46
N ARG A 392 0.13 -4.45 6.26
CA ARG A 392 0.94 -5.37 7.05
C ARG A 392 2.36 -4.88 7.19
N ARG A 393 2.91 -5.01 8.38
CA ARG A 393 4.32 -4.68 8.56
C ARG A 393 4.88 -5.43 9.76
N PRO A 394 6.03 -6.06 9.63
CA PRO A 394 6.65 -6.73 10.79
C PRO A 394 7.26 -5.70 11.73
N ARG A 395 7.34 -6.06 13.01
CA ARG A 395 7.93 -5.16 14.00
C ARG A 395 9.43 -5.02 13.78
N ALA A 396 10.08 -6.07 13.30
CA ALA A 396 11.51 -6.07 13.04
C ALA A 396 11.80 -7.20 12.07
N ILE A 397 12.89 -7.08 11.34
CA ILE A 397 13.36 -8.14 10.46
C ILE A 397 14.79 -8.50 10.88
N PRO A 398 14.97 -9.37 11.88
CA PRO A 398 16.33 -9.73 12.30
C PRO A 398 17.02 -10.58 11.25
N ALA A 399 18.23 -10.18 10.89
CA ALA A 399 18.96 -10.78 9.80
C ALA A 399 20.44 -10.92 10.19
N THR A 400 21.13 -11.83 9.52
CA THR A 400 22.58 -11.97 9.66
C THR A 400 23.19 -12.18 8.29
N TRP A 401 24.52 -12.16 8.25
CA TRP A 401 25.26 -12.62 7.09
C TRP A 401 25.48 -14.13 7.18
CHA HEM B . -3.67 3.86 -5.10
CHB HEM B . -0.70 0.13 -4.15
CHC HEM B . 2.86 3.26 -3.14
CHD HEM B . -0.09 6.97 -4.11
C1A HEM B . -3.19 2.58 -4.97
C2A HEM B . -3.94 1.36 -5.19
C3A HEM B . -3.11 0.35 -4.91
C4A HEM B . -1.82 0.86 -4.52
CMA HEM B . -3.43 -1.15 -4.98
CAA HEM B . -5.40 1.24 -5.70
CBA HEM B . -6.44 1.41 -4.63
CGA HEM B . -7.83 1.30 -5.22
O1A HEM B . -7.99 0.76 -6.34
O2A HEM B . -8.78 1.78 -4.55
C1B HEM B . 0.52 0.63 -3.77
C2B HEM B . 1.71 -0.13 -3.43
C3B HEM B . 2.68 0.75 -3.13
C4B HEM B . 2.15 2.08 -3.31
CMB HEM B . 1.75 -1.68 -3.40
CAB HEM B . 4.15 0.48 -2.71
CBB HEM B . 4.78 -0.71 -2.86
C1C HEM B . 2.38 4.54 -3.33
C2C HEM B . 3.15 5.75 -3.11
C3C HEM B . 2.32 6.78 -3.37
C4C HEM B . 1.04 6.25 -3.75
CMC HEM B . 4.63 5.81 -2.67
CAC HEM B . 2.71 8.26 -3.27
CBC HEM B . 1.85 9.16 -2.77
C1D HEM B . -1.33 6.46 -4.38
C2D HEM B . -2.56 7.21 -4.52
C3D HEM B . -3.54 6.37 -4.79
C4D HEM B . -2.98 5.02 -4.82
CMD HEM B . -2.65 8.74 -4.37
CAD HEM B . -5.04 6.73 -4.99
CBD HEM B . -5.45 6.66 -6.45
CGD HEM B . -6.95 6.69 -6.60
O1D HEM B . -7.70 6.35 -5.64
O2D HEM B . -7.37 7.08 -7.71
NA HEM B . -1.91 2.24 -4.56
NB HEM B . 0.81 1.99 -3.72
NC HEM B . 1.10 4.87 -3.73
ND HEM B . -1.62 5.10 -4.56
FE HEM B . -0.30 3.54 -4.40
C10 UYG C . -2.57 -1.46 -1.34
C11 UYG C . -8.01 0.48 3.47
C12 UYG C . -8.72 -0.51 4.39
C13 UYG C . -9.98 0.10 5.01
N UYG C . -4.81 -2.74 -1.10
C UYG C . -8.58 1.02 1.02
O UYG C . -9.38 1.46 0.26
C1 UYG C . -7.21 0.53 0.51
C14 UYG C . -9.07 -1.78 3.61
C15 UYG C . -6.80 -0.27 2.92
C2 UYG C . -7.34 -0.33 -0.76
C3 UYG C . -6.04 -1.17 -0.96
C4 UYG C . -6.06 -2.48 -0.96
C5 UYG C . -3.93 -1.68 -1.20
C6 UYG C . -4.83 -0.53 -1.10
C7 UYG C . -4.31 0.74 -1.14
C8 UYG C . -2.94 0.96 -1.30
C9 UYG C . -2.07 -0.16 -1.38
N1 UYG C . -6.46 -0.21 1.51
N2 UYG C . -8.91 0.97 2.43
O1 UYG C . -6.10 -0.92 3.64
C10 UYG D . -4.44 4.17 1.66
C11 UYG D . -8.13 8.29 -0.76
C12 UYG D . -6.91 8.64 0.11
C13 UYG D . -5.84 7.54 0.05
N UYG D . -4.58 4.34 -0.90
C UYG D . -9.28 5.98 -0.59
O UYG D . -9.97 5.25 0.04
C1 UYG D . -8.76 5.54 -1.95
C14 UYG D . -7.36 8.83 1.56
C15 UYG D . -7.74 7.88 -2.18
C2 UYG D . -7.95 4.24 -1.83
C3 UYG D . -6.57 4.28 -1.10
C4 UYG D . -5.49 4.35 -1.80
C5 UYG D . -5.01 4.23 0.40
C6 UYG D . -6.46 4.18 0.25
C7 UYG D . -7.25 4.06 1.37
C8 UYG D . -6.66 4.01 2.64
C9 UYG D . -5.26 4.06 2.78
N1 UYG D . -8.04 6.56 -2.70
N2 UYG D . -8.93 7.30 -0.07
O1 UYG D . -7.15 8.64 -2.87
#